data_3RDA
#
_entry.id   3RDA
#
_cell.length_a   57.222
_cell.length_b   57.222
_cell.length_c   87.009
_cell.angle_alpha   90.00
_cell.angle_beta   90.00
_cell.angle_gamma   90.00
#
_symmetry.space_group_name_H-M   'P 41 21 2'
#
loop_
_entity.id
_entity.type
_entity.pdbx_description
1 polymer 'Peptidyl-prolyl cis-trans isomerase F, mitochondrial'
2 non-polymer 3-methyl-1,2-oxazol-5-amine
3 water water
#
_entity_poly.entity_id   1
_entity_poly.type   'polypeptide(L)'
_entity_poly.pdbx_seq_one_letter_code
;MSGNPLVYLDVDANGKPLGRVVLELKADVVPKTAENFRALCTGEKGFGYKGSTFHRVIPSFMCQAGDFTNHNGTGGKSIY
GSRFPDENFTLKHVGPGVLSMANAGPNTNGSQFFICTIKTDWLDGKHVVFGHVIEGMDVVKKIESFGSKSGRTSKKIVIT
DCGQLS
;
_entity_poly.pdbx_strand_id   X
#
loop_
_chem_comp.id
_chem_comp.type
_chem_comp.name
_chem_comp.formula
MIO non-polymer 3-methyl-1,2-oxazol-5-amine 'C4 H6 N2 O'
#
# COMPACT_ATOMS: atom_id res chain seq x y z
N GLY A 3 -20.74 3.10 -2.49
CA GLY A 3 -19.63 3.56 -3.36
C GLY A 3 -18.35 2.82 -3.05
N ASN A 4 -17.25 3.40 -3.50
CA ASN A 4 -15.94 2.79 -3.37
C ASN A 4 -15.55 2.55 -1.91
N PRO A 5 -14.89 1.43 -1.63
CA PRO A 5 -14.46 1.16 -0.26
C PRO A 5 -13.53 2.23 0.29
N LEU A 6 -13.70 2.48 1.60
CA LEU A 6 -12.71 3.22 2.39
C LEU A 6 -12.12 2.24 3.38
N VAL A 7 -10.80 2.18 3.43
CA VAL A 7 -10.11 1.31 4.36
C VAL A 7 -9.08 2.13 5.14
N TYR A 8 -8.56 1.55 6.21
CA TYR A 8 -7.59 2.25 7.05
C TYR A 8 -6.43 1.38 7.44
N LEU A 9 -5.31 2.06 7.68
CA LEU A 9 -4.10 1.49 8.29
C LEU A 9 -3.74 2.36 9.48
N ASP A 10 -3.64 1.76 10.67
CA ASP A 10 -3.09 2.45 11.83
C ASP A 10 -1.64 2.06 11.93
N VAL A 11 -0.74 3.03 12.04
CA VAL A 11 0.69 2.79 11.91
C VAL A 11 1.44 3.28 13.16
N ASP A 12 2.31 2.41 13.69
CA ASP A 12 3.29 2.75 14.75
C ASP A 12 4.67 2.93 14.13
N ALA A 13 5.51 3.72 14.81
CA ALA A 13 6.95 3.72 14.55
C ALA A 13 7.64 3.52 15.89
N ASN A 14 8.41 2.44 16.00
CA ASN A 14 9.03 2.05 17.27
C ASN A 14 8.02 2.04 18.43
N GLY A 15 6.85 1.49 18.16
CA GLY A 15 5.82 1.30 19.17
C GLY A 15 5.01 2.52 19.51
N LYS A 16 5.31 3.66 18.87
CA LYS A 16 4.59 4.89 19.10
C LYS A 16 3.60 5.13 17.96
N PRO A 17 2.33 5.41 18.29
CA PRO A 17 1.35 5.59 17.21
C PRO A 17 1.59 6.84 16.42
N LEU A 18 1.59 6.71 15.10
CA LEU A 18 1.68 7.86 14.20
C LEU A 18 0.33 8.42 13.80
N GLY A 19 -0.69 7.57 13.88
CA GLY A 19 -2.01 7.91 13.41
C GLY A 19 -2.52 6.94 12.36
N ARG A 20 -3.50 7.40 11.62
CA ARG A 20 -4.29 6.58 10.71
C ARG A 20 -4.19 7.10 9.28
N VAL A 21 -3.93 6.19 8.35
CA VAL A 21 -4.01 6.47 6.93
C VAL A 21 -5.33 5.89 6.42
N VAL A 22 -6.15 6.72 5.78
CA VAL A 22 -7.40 6.27 5.18
C VAL A 22 -7.24 6.30 3.67
N LEU A 23 -7.62 5.22 3.02
CA LEU A 23 -7.46 5.02 1.59
C LEU A 23 -8.81 4.76 0.94
N GLU A 24 -9.08 5.46 -0.16
CA GLU A 24 -10.21 5.12 -1.02
CA GLU A 24 -10.22 5.14 -1.02
C GLU A 24 -9.73 4.20 -2.12
N LEU A 25 -10.42 3.08 -2.29
CA LEU A 25 -10.07 2.07 -3.28
C LEU A 25 -10.99 2.19 -4.48
N LYS A 26 -10.42 2.32 -5.66
CA LYS A 26 -11.19 2.61 -6.87
C LYS A 26 -11.75 1.32 -7.50
N ALA A 27 -12.69 0.71 -6.78
CA ALA A 27 -13.33 -0.53 -7.23
C ALA A 27 -14.12 -0.33 -8.50
N ASP A 28 -14.55 0.90 -8.80
CA ASP A 28 -15.23 1.17 -10.06
C ASP A 28 -14.31 1.07 -11.26
N VAL A 29 -13.00 1.26 -11.06
CA VAL A 29 -12.00 1.20 -12.13
C VAL A 29 -11.21 -0.09 -12.15
N VAL A 30 -10.83 -0.55 -10.96
CA VAL A 30 -9.98 -1.73 -10.79
C VAL A 30 -10.62 -2.61 -9.70
N PRO A 31 -11.76 -3.23 -10.03
CA PRO A 31 -12.47 -3.98 -8.99
C PRO A 31 -11.65 -5.12 -8.38
N LYS A 32 -10.91 -5.83 -9.20
CA LYS A 32 -10.19 -7.01 -8.69
C LYS A 32 -9.06 -6.60 -7.76
N THR A 33 -8.35 -5.54 -8.14
CA THR A 33 -7.22 -5.04 -7.38
C THR A 33 -7.72 -4.39 -6.08
N ALA A 34 -8.80 -3.62 -6.20
CA ALA A 34 -9.40 -3.00 -5.01
C ALA A 34 -9.90 -4.06 -4.01
N GLU A 35 -10.55 -5.10 -4.53
CA GLU A 35 -11.12 -6.12 -3.65
C GLU A 35 -10.03 -6.86 -2.88
N ASN A 36 -8.93 -7.18 -3.56
CA ASN A 36 -7.80 -7.81 -2.90
C ASN A 36 -7.34 -6.97 -1.72
N PHE A 37 -7.08 -5.68 -1.96
CA PHE A 37 -6.56 -4.84 -0.89
C PHE A 37 -7.56 -4.71 0.24
N ARG A 38 -8.84 -4.54 -0.12
CA ARG A 38 -9.90 -4.42 0.87
C ARG A 38 -9.90 -5.62 1.81
N ALA A 39 -9.90 -6.81 1.24
CA ALA A 39 -9.96 -8.03 2.03
C ALA A 39 -8.69 -8.24 2.86
N LEU A 40 -7.55 -7.82 2.35
CA LEU A 40 -6.31 -7.92 3.11
C LEU A 40 -6.28 -6.95 4.29
N CYS A 41 -7.01 -5.83 4.18
CA CYS A 41 -7.19 -4.92 5.30
C CYS A 41 -8.14 -5.48 6.36
N THR A 42 -9.25 -6.10 5.94
CA THR A 42 -10.20 -6.61 6.93
C THR A 42 -9.67 -7.88 7.58
N GLY A 43 -8.84 -8.63 6.88
CA GLY A 43 -8.39 -9.95 7.35
C GLY A 43 -9.41 -11.06 7.19
N GLU A 44 -10.49 -10.79 6.46
CA GLU A 44 -11.62 -11.71 6.41
C GLU A 44 -11.30 -13.08 5.82
N LYS A 45 -10.24 -13.19 5.02
CA LYS A 45 -9.83 -14.49 4.47
C LYS A 45 -8.92 -15.27 5.41
N GLY A 46 -8.53 -14.68 6.53
CA GLY A 46 -7.68 -15.35 7.50
C GLY A 46 -6.23 -14.91 7.49
N PHE A 47 -5.91 -13.93 6.65
CA PHE A 47 -4.57 -13.38 6.52
C PHE A 47 -4.70 -11.97 5.98
N GLY A 48 -3.62 -11.20 6.08
CA GLY A 48 -3.64 -9.81 5.64
C GLY A 48 -2.59 -8.97 6.31
N TYR A 49 -2.83 -7.66 6.31
CA TYR A 49 -1.80 -6.71 6.67
C TYR A 49 -1.57 -6.49 8.15
N LYS A 50 -2.50 -6.89 9.01
CA LYS A 50 -2.36 -6.54 10.42
C LYS A 50 -1.08 -7.14 10.98
N GLY A 51 -0.25 -6.28 11.60
CA GLY A 51 0.98 -6.69 12.23
C GLY A 51 2.19 -6.67 11.33
N SER A 52 1.99 -6.38 10.04
CA SER A 52 3.09 -6.32 9.08
C SER A 52 3.66 -4.90 8.99
N THR A 53 4.66 -4.69 8.14
CA THR A 53 5.50 -3.50 8.22
C THR A 53 5.58 -2.73 6.91
N PHE A 54 5.99 -1.46 7.01
CA PHE A 54 6.52 -0.71 5.88
C PHE A 54 8.01 -1.01 5.86
N HIS A 55 8.43 -1.88 4.95
CA HIS A 55 9.80 -2.39 4.97
C HIS A 55 10.75 -1.63 4.06
N ARG A 56 10.24 -0.79 3.16
CA ARG A 56 11.08 -0.07 2.21
C ARG A 56 10.48 1.32 2.03
N VAL A 57 11.23 2.34 2.41
CA VAL A 57 10.72 3.71 2.39
C VAL A 57 11.83 4.60 1.87
N ILE A 58 11.55 5.35 0.81
CA ILE A 58 12.55 6.19 0.16
C ILE A 58 12.01 7.61 0.14
N PRO A 59 12.67 8.53 0.89
CA PRO A 59 12.22 9.91 0.91
C PRO A 59 12.19 10.51 -0.48
N SER A 60 11.17 11.33 -0.71
CA SER A 60 10.92 11.96 -2.00
C SER A 60 10.60 10.93 -3.09
N PHE A 61 10.07 9.77 -2.69
CA PHE A 61 9.63 8.78 -3.64
C PHE A 61 8.33 8.10 -3.15
N MET A 62 8.43 7.19 -2.20
CA MET A 62 7.27 6.38 -1.81
C MET A 62 7.56 5.59 -0.54
N CYS A 63 6.48 5.09 0.04
CA CYS A 63 6.51 4.20 1.19
C CYS A 63 5.90 2.86 0.80
N GLN A 64 6.66 1.77 0.93
CA GLN A 64 6.22 0.45 0.49
C GLN A 64 5.98 -0.50 1.65
N ALA A 65 4.90 -1.26 1.52
CA ALA A 65 4.47 -2.21 2.54
C ALA A 65 3.79 -3.40 1.88
N GLY A 66 3.21 -4.26 2.70
CA GLY A 66 2.36 -5.35 2.24
C GLY A 66 2.99 -6.72 2.15
N ASP A 67 4.28 -6.84 2.47
CA ASP A 67 4.92 -8.15 2.48
C ASP A 67 4.70 -8.78 3.84
N PHE A 68 3.51 -9.34 4.02
CA PHE A 68 3.12 -9.87 5.32
C PHE A 68 3.60 -11.31 5.53
N THR A 69 4.28 -11.89 4.53
CA THR A 69 4.83 -13.23 4.70
C THR A 69 6.34 -13.26 4.97
N ASN A 70 7.10 -12.44 4.24
CA ASN A 70 8.56 -12.40 4.39
C ASN A 70 9.12 -11.09 4.96
N HIS A 71 8.29 -10.05 5.00
CA HIS A 71 8.66 -8.79 5.65
C HIS A 71 9.89 -8.12 5.04
N ASN A 72 10.15 -8.37 3.76
CA ASN A 72 11.38 -7.85 3.16
C ASN A 72 11.28 -7.48 1.68
N GLY A 73 10.09 -7.61 1.09
CA GLY A 73 9.91 -7.24 -0.30
C GLY A 73 9.88 -8.39 -1.29
N THR A 74 10.11 -9.61 -0.81
CA THR A 74 10.06 -10.79 -1.67
C THR A 74 8.76 -11.56 -1.62
N GLY A 75 7.92 -11.30 -0.62
CA GLY A 75 6.76 -12.14 -0.33
C GLY A 75 5.43 -11.50 -0.62
N GLY A 76 4.46 -11.81 0.24
CA GLY A 76 3.09 -11.39 0.06
C GLY A 76 2.33 -12.39 -0.80
N LYS A 77 1.01 -12.36 -0.69
CA LYS A 77 0.14 -13.15 -1.54
C LYS A 77 -1.20 -12.45 -1.62
N SER A 78 -1.93 -12.71 -2.68
CA SER A 78 -3.25 -12.12 -2.86
C SER A 78 -4.34 -13.05 -2.34
N ILE A 79 -5.56 -12.52 -2.31
CA ILE A 79 -6.71 -13.35 -1.97
C ILE A 79 -7.07 -14.35 -3.07
N TYR A 80 -6.48 -14.20 -4.25
CA TYR A 80 -6.77 -15.05 -5.39
C TYR A 80 -5.80 -16.20 -5.56
N GLY A 81 -4.63 -16.10 -4.94
CA GLY A 81 -3.49 -16.95 -5.24
C GLY A 81 -2.22 -16.14 -5.00
N SER A 82 -1.08 -16.70 -5.32
CA SER A 82 0.15 -15.99 -4.98
C SER A 82 0.30 -14.68 -5.73
N ARG A 83 -0.04 -14.68 -7.01
CA ARG A 83 0.10 -13.52 -7.87
C ARG A 83 -1.12 -13.39 -8.77
N PHE A 84 -1.38 -12.17 -9.26
CA PHE A 84 -2.49 -11.94 -10.17
C PHE A 84 -2.16 -10.87 -11.20
N PRO A 85 -2.90 -10.87 -12.32
CA PRO A 85 -2.57 -9.99 -13.43
C PRO A 85 -2.71 -8.51 -13.17
N ASP A 86 -1.99 -7.73 -13.97
CA ASP A 86 -2.24 -6.30 -14.03
C ASP A 86 -3.63 -6.05 -14.59
N GLU A 87 -4.50 -5.42 -13.81
CA GLU A 87 -5.90 -5.27 -14.20
C GLU A 87 -6.08 -4.28 -15.34
N ASN A 88 -5.54 -3.07 -15.16
CA ASN A 88 -5.43 -2.07 -16.21
C ASN A 88 -4.48 -1.00 -15.68
N PHE A 89 -4.13 -0.07 -16.55
CA PHE A 89 -3.28 1.07 -16.20
C PHE A 89 -4.03 2.37 -16.37
N THR A 90 -5.34 2.35 -16.12
CA THR A 90 -6.17 3.51 -16.39
C THR A 90 -5.84 4.68 -15.46
N LEU A 91 -5.71 4.41 -14.16
CA LEU A 91 -5.33 5.43 -13.19
C LEU A 91 -3.83 5.67 -13.25
N LYS A 92 -3.43 6.93 -13.12
CA LYS A 92 -2.03 7.30 -13.27
C LYS A 92 -1.43 7.76 -11.94
N HIS A 93 -0.10 7.75 -11.93
CA HIS A 93 0.68 8.17 -10.75
C HIS A 93 0.79 9.69 -10.78
N VAL A 94 -0.28 10.35 -10.36
CA VAL A 94 -0.45 11.77 -10.59
C VAL A 94 0.22 12.66 -9.56
N GLY A 95 0.57 12.15 -8.39
CA GLY A 95 1.12 12.98 -7.35
C GLY A 95 1.20 12.26 -6.04
N PRO A 96 1.52 12.99 -4.97
CA PRO A 96 1.57 12.41 -3.66
C PRO A 96 0.21 11.82 -3.25
N GLY A 97 0.23 10.73 -2.49
CA GLY A 97 -1.00 10.10 -2.01
C GLY A 97 -1.54 9.00 -2.88
N VAL A 98 -0.99 8.84 -4.08
CA VAL A 98 -1.40 7.73 -4.95
C VAL A 98 -1.04 6.39 -4.31
N LEU A 99 -1.98 5.45 -4.36
CA LEU A 99 -1.83 4.08 -3.86
C LEU A 99 -1.75 3.14 -5.05
N SER A 100 -0.65 2.37 -5.12
CA SER A 100 -0.34 1.60 -6.31
C SER A 100 0.28 0.26 -5.92
N MET A 101 0.15 -0.74 -6.78
CA MET A 101 0.72 -2.07 -6.51
C MET A 101 2.21 -2.11 -6.81
N ALA A 102 2.99 -2.57 -5.85
CA ALA A 102 4.37 -2.97 -6.11
C ALA A 102 4.33 -4.29 -6.86
N ASN A 103 5.39 -4.58 -7.64
CA ASN A 103 5.40 -5.84 -8.39
C ASN A 103 6.82 -6.26 -8.72
N ALA A 104 6.89 -7.39 -9.42
CA ALA A 104 8.13 -7.98 -9.87
C ALA A 104 8.11 -8.10 -11.40
N GLY A 105 7.55 -7.10 -12.07
CA GLY A 105 7.39 -7.13 -13.51
C GLY A 105 5.94 -7.35 -13.87
N PRO A 106 5.66 -7.52 -15.16
CA PRO A 106 4.28 -7.66 -15.58
C PRO A 106 3.56 -8.80 -14.87
N ASN A 107 2.32 -8.55 -14.49
CA ASN A 107 1.42 -9.57 -13.97
C ASN A 107 1.96 -10.31 -12.75
N THR A 108 2.48 -9.55 -11.79
CA THR A 108 3.02 -10.13 -10.55
C THR A 108 2.53 -9.37 -9.31
N ASN A 109 1.28 -8.93 -9.35
CA ASN A 109 0.65 -8.33 -8.18
C ASN A 109 0.40 -9.41 -7.14
N GLY A 110 0.61 -9.09 -5.87
CA GLY A 110 0.33 -10.01 -4.77
C GLY A 110 -0.38 -9.24 -3.69
N SER A 111 0.40 -8.74 -2.74
CA SER A 111 -0.11 -7.89 -1.68
C SER A 111 0.73 -6.66 -1.41
N GLN A 112 1.87 -6.52 -2.07
CA GLN A 112 2.73 -5.38 -1.79
C GLN A 112 2.24 -4.15 -2.53
N PHE A 113 2.34 -3.01 -1.85
CA PHE A 113 1.79 -1.76 -2.33
C PHE A 113 2.69 -0.63 -1.92
N PHE A 114 2.48 0.52 -2.54
CA PHE A 114 3.19 1.71 -2.12
C PHE A 114 2.26 2.90 -2.14
N ILE A 115 2.60 3.86 -1.28
CA ILE A 115 1.95 5.17 -1.23
C ILE A 115 2.99 6.18 -1.67
N CYS A 116 2.69 6.89 -2.76
CA CYS A 116 3.62 7.83 -3.35
C CYS A 116 3.71 9.10 -2.52
N THR A 117 4.90 9.68 -2.48
CA THR A 117 5.06 11.00 -1.84
C THR A 117 5.45 12.11 -2.84
N ILE A 118 5.47 11.75 -4.12
CA ILE A 118 5.71 12.63 -5.24
C ILE A 118 4.92 12.06 -6.41
N LYS A 119 4.87 12.79 -7.52
CA LYS A 119 4.39 12.26 -8.79
C LYS A 119 5.38 11.26 -9.34
N THR A 120 5.00 9.97 -9.40
CA THR A 120 5.90 8.93 -9.89
C THR A 120 5.48 8.51 -11.31
N ASP A 121 5.56 9.46 -12.22
CA ASP A 121 4.98 9.27 -13.55
C ASP A 121 5.61 8.15 -14.37
N TRP A 122 6.88 7.86 -14.11
CA TRP A 122 7.58 6.81 -14.84
C TRP A 122 7.03 5.42 -14.55
N LEU A 123 6.21 5.28 -13.51
CA LEU A 123 5.60 4.01 -13.16
C LEU A 123 4.28 3.80 -13.90
N ASP A 124 3.79 4.82 -14.59
CA ASP A 124 2.57 4.68 -15.37
C ASP A 124 2.75 3.58 -16.41
N GLY A 125 1.75 2.70 -16.50
CA GLY A 125 1.79 1.60 -17.46
C GLY A 125 2.59 0.41 -16.98
N LYS A 126 3.21 0.50 -15.79
CA LYS A 126 3.96 -0.58 -15.20
C LYS A 126 3.39 -1.05 -13.85
N HIS A 127 2.80 -0.13 -13.10
CA HIS A 127 2.17 -0.44 -11.81
C HIS A 127 0.73 -0.04 -11.84
N VAL A 128 -0.12 -0.91 -11.31
CA VAL A 128 -1.54 -0.66 -11.26
C VAL A 128 -1.89 0.24 -10.08
N VAL A 129 -2.32 1.46 -10.40
CA VAL A 129 -2.85 2.39 -9.41
C VAL A 129 -4.28 1.97 -9.08
N PHE A 130 -4.60 1.96 -7.78
CA PHE A 130 -5.92 1.49 -7.37
C PHE A 130 -6.57 2.29 -6.27
N GLY A 131 -6.00 3.42 -5.87
CA GLY A 131 -6.64 4.24 -4.89
C GLY A 131 -5.78 5.43 -4.53
N HIS A 132 -6.14 6.08 -3.42
CA HIS A 132 -5.38 7.24 -2.96
CA HIS A 132 -5.49 7.32 -3.01
C HIS A 132 -5.72 7.54 -1.51
N VAL A 133 -4.83 8.30 -0.89
CA VAL A 133 -4.98 8.73 0.50
C VAL A 133 -6.09 9.79 0.59
N ILE A 134 -7.08 9.51 1.41
CA ILE A 134 -8.20 10.38 1.77
C ILE A 134 -7.89 11.23 2.99
N GLU A 135 -7.19 10.62 3.95
CA GLU A 135 -6.84 11.25 5.20
C GLU A 135 -5.53 10.62 5.66
N GLY A 136 -4.70 11.40 6.36
CA GLY A 136 -3.46 10.87 6.90
C GLY A 136 -2.24 11.08 6.07
N MET A 137 -2.23 12.05 5.15
CA MET A 137 -0.97 12.33 4.45
C MET A 137 0.10 12.75 5.47
N ASP A 138 -0.26 13.37 6.59
CA ASP A 138 0.72 13.68 7.63
C ASP A 138 1.40 12.43 8.16
N VAL A 139 0.62 11.36 8.32
CA VAL A 139 1.15 10.08 8.76
C VAL A 139 2.12 9.53 7.69
N VAL A 140 1.71 9.61 6.43
CA VAL A 140 2.57 9.19 5.34
C VAL A 140 3.90 9.96 5.33
N LYS A 141 3.84 11.27 5.56
CA LYS A 141 5.06 12.08 5.59
C LYS A 141 5.95 11.69 6.76
N LYS A 142 5.37 11.31 7.90
CA LYS A 142 6.17 10.78 9.00
C LYS A 142 6.87 9.50 8.60
N ILE A 143 6.12 8.57 8.02
CA ILE A 143 6.71 7.31 7.56
C ILE A 143 7.86 7.62 6.60
N GLU A 144 7.60 8.50 5.64
CA GLU A 144 8.59 8.87 4.64
C GLU A 144 9.89 9.33 5.28
N SER A 145 9.77 10.13 6.33
CA SER A 145 10.93 10.71 7.00
C SER A 145 11.78 9.68 7.72
N PHE A 146 11.24 8.47 7.93
CA PHE A 146 11.99 7.37 8.53
C PHE A 146 12.63 6.45 7.49
N GLY A 147 12.60 6.83 6.22
CA GLY A 147 13.26 6.08 5.18
C GLY A 147 14.67 6.56 4.92
N SER A 148 15.24 6.05 3.84
CA SER A 148 16.59 6.39 3.42
C SER A 148 16.71 6.14 1.93
N LYS A 149 17.81 6.58 1.33
CA LYS A 149 18.02 6.38 -0.10
C LYS A 149 17.96 4.91 -0.51
N SER A 150 18.52 4.04 0.36
CA SER A 150 18.53 2.60 0.14
C SER A 150 17.17 1.95 0.32
N GLY A 151 16.25 2.66 0.96
CA GLY A 151 14.94 2.11 1.32
C GLY A 151 14.90 1.58 2.74
N ARG A 152 16.06 1.38 3.37
CA ARG A 152 16.09 0.88 4.74
C ARG A 152 15.46 1.87 5.67
N THR A 153 14.60 1.39 6.56
CA THR A 153 13.94 2.27 7.51
C THR A 153 14.77 2.42 8.79
N SER A 154 14.72 3.61 9.37
CA SER A 154 15.45 3.92 10.60
C SER A 154 14.62 3.72 11.86
N LYS A 155 13.34 3.41 11.69
CA LYS A 155 12.43 3.00 12.76
C LYS A 155 11.64 1.81 12.25
N LYS A 156 11.15 1.00 13.17
CA LYS A 156 10.32 -0.14 12.82
C LYS A 156 8.89 0.37 12.63
N ILE A 157 8.41 0.30 11.40
CA ILE A 157 7.12 0.92 11.02
C ILE A 157 6.12 -0.21 10.83
N VAL A 158 5.13 -0.29 11.72
CA VAL A 158 4.23 -1.42 11.82
C VAL A 158 2.78 -0.96 11.62
N ILE A 159 2.06 -1.70 10.77
CA ILE A 159 0.61 -1.56 10.65
C ILE A 159 0.00 -2.34 11.82
N THR A 160 -0.38 -1.62 12.86
CA THR A 160 -0.85 -2.27 14.08
C THR A 160 -2.29 -2.73 13.97
N ASP A 161 -3.06 -2.05 13.13
CA ASP A 161 -4.47 -2.38 12.91
C ASP A 161 -4.83 -1.92 11.51
N CYS A 162 -5.84 -2.55 10.93
CA CYS A 162 -6.33 -2.17 9.61
C CYS A 162 -7.72 -2.74 9.45
N GLY A 163 -8.47 -2.19 8.51
CA GLY A 163 -9.84 -2.63 8.34
C GLY A 163 -10.57 -1.78 7.33
N GLN A 164 -11.88 -1.99 7.29
CA GLN A 164 -12.74 -1.28 6.35
C GLN A 164 -13.66 -0.35 7.12
N LEU A 165 -13.75 0.89 6.65
CA LEU A 165 -14.62 1.91 7.21
C LEU A 165 -15.99 1.99 6.53
N SER A 166 -16.03 1.77 5.21
CA SER A 166 -17.27 1.79 4.45
C SER A 166 -17.05 1.16 3.08
CAA MIO B . 7.41 1.17 -6.07
NAB MIO B . 10.67 0.50 -9.60
CAC MIO B . 8.78 0.79 -8.16
NAD MIO B . 9.88 0.98 -6.28
OAE MIO B . 10.80 0.77 -7.30
CAF MIO B . 8.69 0.97 -6.85
CAG MIO B . 10.08 0.67 -8.43
CAA MIO C . 9.09 -3.17 -9.64
NAB MIO C . 10.18 -2.39 -4.90
CAC MIO C . 10.12 -2.79 -7.29
NAD MIO C . 7.91 -2.75 -7.48
OAE MIO C . 8.25 -2.51 -6.16
CAF MIO C . 9.07 -2.90 -8.13
CAG MIO C . 9.59 -2.56 -6.08
CAA MIO D . 6.89 -6.44 -5.16
NAB MIO D . 9.95 -10.28 -5.70
CAC MIO D . 8.81 -8.14 -5.51
NAD MIO D . 6.77 -8.92 -5.25
OAE MIO D . 7.66 -10.00 -5.38
CAF MIO D . 7.52 -7.84 -5.30
CAG MIO D . 8.89 -9.47 -5.54
CAA MIO E . 12.31 9.77 -7.65
NAB MIO E . 14.22 5.72 -5.81
CAC MIO E . 13.08 7.49 -6.88
NAD MIO E . 14.12 9.21 -5.98
OAE MIO E . 14.67 8.03 -5.45
CAF MIO E . 13.17 8.82 -6.84
CAG MIO E . 13.99 7.01 -6.03
CAA MIO F . -20.31 -2.28 -4.38
NAB MIO F . -18.25 1.76 -6.21
CAC MIO F . -19.62 -0.04 -5.47
NAD MIO F . -18.04 -1.29 -4.52
OAE MIO F . -17.47 -0.13 -5.05
CAF MIO F . -19.33 -1.18 -4.80
CAG MIO F . -18.47 0.60 -5.63
CAA MIO G . -8.22 -10.86 12.75
CAA MIO G . -4.70 -10.83 9.87
NAB MIO G . -7.18 -6.73 10.22
NAB MIO G . -7.59 -6.91 10.29
CAC MIO G . -7.36 -8.92 11.27
CAC MIO G . -6.40 -9.00 10.40
NAD MIO G . -9.16 -8.53 12.49
NAD MIO G . -4.98 -8.61 8.76
OAE MIO G . -8.83 -7.38 11.77
OAE MIO G . -5.80 -7.50 8.87
CAF MIO G . -8.24 -9.44 12.16
CAF MIO G . -5.37 -9.48 9.69
CAG MIO G . -7.74 -7.65 11.04
CAG MIO G . -6.66 -7.78 9.90
CAA MIO H . -2.93 -10.95 10.14
NAB MIO H . -7.34 -13.14 10.07
CAC MIO H . -5.11 -12.33 10.38
NAD MIO H . -5.11 -10.71 8.90
OAE MIO H . -6.36 -11.34 8.88
CAF MIO H . -4.39 -11.34 9.81
CAG MIO H . -6.32 -12.32 9.80
#